data_7I2B
#
_entry.id   7I2B
#
_cell.length_a   82.476
_cell.length_b   116.865
_cell.length_c   148.174
_cell.angle_alpha   90.00
_cell.angle_beta   90.00
_cell.angle_gamma   90.00
#
_symmetry.space_group_name_H-M   'I 2 2 2'
#
loop_
_entity.id
_entity.type
_entity.pdbx_description
1 polymer 'NS5 RNA-dependent RNA polymerase'
2 non-polymer 'ZINC ION'
3 non-polymer '2-(N-MORPHOLINO)-ETHANESULFONIC ACID'
4 non-polymer 'DIMETHYL SULFOXIDE'
5 non-polymer DI(HYDROXYETHYL)ETHER
6 non-polymer 'PHOSPHATE ION'
7 non-polymer ~{N}-(4-phenylazanylphenyl)ethanamide
8 non-polymer 'CHLORIDE ION'
9 water water
#
_entity_poly.entity_id   1
_entity_poly.type   'polypeptide(L)'
_entity_poly.pdbx_seq_one_letter_code
;GPGIESETPNLDIIGKRIEKIKQEHETSWHYDQDHPYKTWAYHGSYETKQTGSASSMVNGVVRLLTKPWDIIPMVTQMAM
TDTTPFGQQRVFKEKVDTRTQEPKEGTKKLMKITAEWLWKELGKKKTPRMCTREEFTRKVRSNAALGAIFTDENKWKSAR
EAVEDSGFWELVDKERNLHLEGKCETCVYNMMGKREKKLGEFGKAKGSRAIWYMWLGARFLEFEALGFLNEDHWFSRENS
LSGVEGEGLHKLGYILRDVSKKEGGAMYADDTAGWDTRITLEDLKNEEMVTNHMEGEHKKLAEAIFKLTYQNKVVRVQRP
TPRGTVMDIISRRDQRGSGQVVTYGLNTFTNMEAQLIRQMEGEGVFKSIQHLTVTEEIAVKNWLVRVGRERLSRMAISGD
DCVVKPLDDRFASALTALNDMGKVRKDIQQWEPSRGWNDWTQVPFCSHHFHELIMKDGRVLVVPCRNQDELIGRARISQG
AGWSLRETACLGKSYAQMWSLMYFHRRDLRLAANAICSAVPSHWVPTSRTTWSIHATHEWMTTEDMLTVWNRVWIQENPW
MEDKTPVESWEEIPYLGKREDQWCGSLIGLTSRATWAKNIQTAINQVRSLIGNEEYTDYMPSMKRFRREEEEAGVLW
;
_entity_poly.pdbx_strand_id   A
#
loop_
_chem_comp.id
_chem_comp.type
_chem_comp.name
_chem_comp.formula
B1A non-polymer ~{N}-(4-phenylazanylphenyl)ethanamide 'C14 H14 N2 O'
CL non-polymer 'CHLORIDE ION' 'Cl -1'
DMS non-polymer 'DIMETHYL SULFOXIDE' 'C2 H6 O S'
MES non-polymer '2-(N-MORPHOLINO)-ETHANESULFONIC ACID' 'C6 H13 N O4 S'
PEG non-polymer DI(HYDROXYETHYL)ETHER 'C4 H10 O3'
PO4 non-polymer 'PHOSPHATE ION' 'O4 P -3'
ZN non-polymer 'ZINC ION' 'Zn 2'
#
# COMPACT_ATOMS: atom_id res chain seq x y z
N ASN A 10 27.25 3.79 -16.96
CA ASN A 10 27.31 4.94 -16.02
C ASN A 10 26.84 6.20 -16.76
N LEU A 11 27.70 7.22 -16.84
CA LEU A 11 27.34 8.59 -17.34
C LEU A 11 26.88 8.50 -18.80
N ASP A 12 27.14 7.37 -19.45
CA ASP A 12 26.72 7.10 -20.86
C ASP A 12 25.19 7.04 -20.91
N ILE A 13 24.53 6.93 -19.75
CA ILE A 13 23.06 6.75 -19.62
C ILE A 13 22.47 7.87 -18.76
N ILE A 14 23.19 8.33 -17.74
CA ILE A 14 22.71 9.34 -16.74
C ILE A 14 23.29 10.72 -17.07
N GLY A 15 24.41 10.78 -17.81
CA GLY A 15 25.09 12.06 -18.09
C GLY A 15 24.18 13.15 -18.63
N LYS A 16 23.37 12.85 -19.66
CA LYS A 16 22.52 13.88 -20.29
C LYS A 16 21.62 14.54 -19.25
N ARG A 17 20.95 13.75 -18.41
CA ARG A 17 20.09 14.31 -17.34
C ARG A 17 20.95 15.19 -16.44
N ILE A 18 22.15 14.73 -16.11
CA ILE A 18 23.07 15.50 -15.22
C ILE A 18 23.47 16.80 -15.93
N GLU A 19 23.82 16.72 -17.22
CA GLU A 19 24.25 17.92 -17.98
C GLU A 19 23.12 18.94 -18.00
N LYS A 20 21.90 18.49 -18.30
CA LYS A 20 20.76 19.43 -18.41
C LYS A 20 20.60 20.19 -17.10
N ILE A 21 20.64 19.47 -15.98
CA ILE A 21 20.42 20.13 -14.66
C ILE A 21 21.56 21.12 -14.42
N LYS A 22 22.79 20.70 -14.69
CA LYS A 22 23.97 21.58 -14.43
C LYS A 22 23.83 22.86 -15.24
N GLN A 23 23.54 22.75 -16.54
CA GLN A 23 23.43 23.93 -17.42
C GLN A 23 22.35 24.88 -16.89
N GLU A 24 21.33 24.36 -16.21
CA GLU A 24 20.22 25.20 -15.70
C GLU A 24 20.64 25.83 -14.38
N HIS A 25 21.84 25.50 -13.88
CA HIS A 25 22.32 26.03 -12.58
C HIS A 25 23.84 26.25 -12.62
N GLU A 26 24.42 26.42 -13.82
CA GLU A 26 25.89 26.55 -13.94
C GLU A 26 26.35 27.77 -13.14
N THR A 27 25.41 28.58 -12.66
CA THR A 27 25.71 29.81 -11.87
C THR A 27 25.77 29.47 -10.38
N SER A 28 25.74 28.18 -10.01
CA SER A 28 25.71 27.70 -8.60
C SER A 28 26.29 26.28 -8.49
N TRP A 29 26.90 25.76 -9.56
CA TRP A 29 27.38 24.35 -9.62
C TRP A 29 28.67 24.19 -8.81
N HIS A 30 28.57 23.70 -7.58
CA HIS A 30 29.72 23.44 -6.66
C HIS A 30 29.78 21.96 -6.30
N TYR A 31 30.93 21.33 -6.52
CA TYR A 31 31.21 19.90 -6.21
C TYR A 31 31.66 19.78 -4.75
N ASP A 32 30.74 20.09 -3.82
CA ASP A 32 30.97 20.07 -2.35
C ASP A 32 31.74 18.80 -1.96
N GLN A 33 32.90 18.97 -1.32
CA GLN A 33 33.82 17.87 -0.89
C GLN A 33 33.47 17.44 0.54
N ASP A 34 32.46 18.06 1.13
CA ASP A 34 31.93 17.74 2.49
C ASP A 34 30.68 16.86 2.35
N HIS A 35 30.34 16.46 1.11
CA HIS A 35 29.10 15.73 0.76
C HIS A 35 29.03 14.43 1.57
N PRO A 36 27.88 14.13 2.23
CA PRO A 36 27.77 12.93 3.07
C PRO A 36 27.69 11.55 2.38
N TYR A 37 27.36 11.49 1.09
CA TYR A 37 26.95 10.24 0.41
C TYR A 37 28.14 9.28 0.38
N LYS A 38 27.95 8.06 0.89
CA LYS A 38 28.89 6.91 0.75
C LYS A 38 28.48 6.00 -0.40
N THR A 39 27.24 5.50 -0.42
CA THR A 39 26.80 4.43 -1.37
C THR A 39 26.06 5.00 -2.57
N TRP A 40 25.66 6.28 -2.48
CA TRP A 40 25.06 6.99 -3.64
C TRP A 40 26.19 7.77 -4.31
N ALA A 41 26.25 7.76 -5.64
CA ALA A 41 27.28 8.54 -6.37
C ALA A 41 26.87 10.01 -6.41
N TYR A 42 27.80 10.90 -6.04
CA TYR A 42 27.53 12.36 -6.02
C TYR A 42 28.05 12.98 -7.31
N HIS A 43 27.38 14.02 -7.81
CA HIS A 43 27.79 14.61 -9.12
C HIS A 43 27.97 16.12 -8.96
N GLY A 44 27.18 16.75 -8.10
CA GLY A 44 27.28 18.21 -7.93
C GLY A 44 26.17 18.81 -7.09
N SER A 45 26.22 20.12 -6.86
CA SER A 45 25.20 20.81 -6.02
C SER A 45 24.80 22.13 -6.68
N TYR A 46 23.79 22.82 -6.13
CA TYR A 46 23.32 24.13 -6.67
C TYR A 46 22.28 24.75 -5.72
N GLU A 47 22.31 26.08 -5.60
CA GLU A 47 21.44 26.88 -4.71
C GLU A 47 19.97 26.53 -4.98
N THR A 48 19.15 26.42 -3.92
CA THR A 48 17.71 26.09 -3.99
C THR A 48 17.02 26.57 -2.71
N ALA A 54 5.55 20.75 5.87
CA ALA A 54 4.54 19.78 5.38
C ALA A 54 4.04 18.91 6.54
N SER A 55 3.85 19.53 7.73
CA SER A 55 3.39 18.85 8.97
C SER A 55 1.91 18.44 8.83
N SER A 56 1.42 17.65 9.78
CA SER A 56 0.02 17.17 9.85
C SER A 56 -0.86 18.24 10.52
N MET A 57 -2.07 18.46 9.99
CA MET A 57 -3.04 19.42 10.58
C MET A 57 -4.16 18.63 11.28
N VAL A 58 -4.79 19.16 12.32
CA VAL A 58 -5.87 18.43 13.01
C VAL A 58 -7.21 18.66 12.29
N ASN A 59 -7.98 17.59 12.15
CA ASN A 59 -9.40 17.64 11.72
C ASN A 59 -10.31 18.00 12.89
N GLY A 60 -10.77 19.25 12.94
CA GLY A 60 -11.58 19.75 14.06
C GLY A 60 -12.93 19.12 14.22
N VAL A 61 -13.58 18.72 13.12
CA VAL A 61 -14.88 18.04 13.21
C VAL A 61 -14.69 16.70 13.92
N VAL A 62 -13.70 15.90 13.53
CA VAL A 62 -13.49 14.58 14.17
C VAL A 62 -13.05 14.81 15.65
N ARG A 63 -12.15 15.75 15.91
CA ARG A 63 -11.64 15.93 17.29
C ARG A 63 -12.77 16.40 18.21
N LEU A 64 -13.62 17.34 17.78
CA LEU A 64 -14.72 17.78 18.67
C LEU A 64 -15.69 16.63 19.00
N LEU A 65 -15.79 15.61 18.16
CA LEU A 65 -16.72 14.47 18.43
C LEU A 65 -16.01 13.26 19.04
N THR A 66 -14.74 13.38 19.40
CA THR A 66 -13.98 12.32 20.10
C THR A 66 -13.25 12.90 21.33
N LYS A 67 -13.95 13.67 22.14
CA LYS A 67 -13.38 14.37 23.30
C LYS A 67 -12.65 13.43 24.27
N PRO A 68 -13.12 12.24 24.63
CA PRO A 68 -12.40 11.41 25.62
C PRO A 68 -10.94 11.16 25.22
N TRP A 69 -10.66 11.13 23.90
CA TRP A 69 -9.32 10.82 23.34
C TRP A 69 -8.41 12.04 23.41
N ASP A 70 -8.92 13.20 23.85
CA ASP A 70 -8.08 14.43 23.98
C ASP A 70 -7.00 14.26 25.06
N ILE A 71 -7.13 13.28 25.94
CA ILE A 71 -6.21 13.07 27.09
C ILE A 71 -5.52 11.71 26.94
N ILE A 72 -5.60 11.08 25.79
CA ILE A 72 -4.88 9.79 25.51
C ILE A 72 -3.68 10.11 24.64
N PRO A 73 -2.44 10.05 25.21
CA PRO A 73 -1.24 10.40 24.45
C PRO A 73 -1.01 9.57 23.19
N MET A 74 -1.38 8.30 23.16
CA MET A 74 -1.21 7.51 21.91
C MET A 74 -2.02 8.11 20.75
N VAL A 75 -3.12 8.79 21.03
CA VAL A 75 -3.90 9.52 19.98
C VAL A 75 -3.29 10.90 19.75
N THR A 76 -3.07 11.69 20.78
CA THR A 76 -2.73 13.12 20.69
C THR A 76 -1.34 13.29 20.08
N GLN A 77 -0.41 12.38 20.37
CA GLN A 77 1.01 12.51 19.93
C GLN A 77 1.13 12.11 18.46
N MET A 78 0.11 11.48 17.85
CA MET A 78 0.11 11.14 16.40
C MET A 78 0.06 12.40 15.54
N ALA A 79 -0.54 13.48 16.04
CA ALA A 79 -0.71 14.73 15.26
C ALA A 79 0.51 15.65 15.38
N MET A 80 1.43 15.38 16.31
CA MET A 80 2.56 16.30 16.63
C MET A 80 3.76 16.02 15.73
N THR A 81 4.42 17.09 15.26
CA THR A 81 5.70 17.03 14.51
C THR A 81 5.86 18.21 13.58
N LYS A 93 18.29 9.62 4.40
CA LYS A 93 17.50 9.12 5.56
C LYS A 93 18.38 8.23 6.44
N GLU A 94 19.57 7.86 5.95
CA GLU A 94 20.58 7.05 6.69
C GLU A 94 20.28 5.56 6.50
N LYS A 95 19.16 5.23 5.85
CA LYS A 95 18.74 3.84 5.52
C LYS A 95 18.91 3.62 4.02
N VAL A 96 18.81 4.70 3.23
CA VAL A 96 18.92 4.70 1.75
C VAL A 96 20.40 4.71 1.35
N ASP A 97 21.26 5.26 2.21
CA ASP A 97 22.73 5.37 1.95
C ASP A 97 23.43 4.09 2.43
N THR A 98 22.68 2.98 2.54
CA THR A 98 23.22 1.62 2.80
C THR A 98 23.45 0.93 1.44
N ARG A 99 24.24 -0.14 1.42
CA ARG A 99 24.54 -0.94 0.20
C ARG A 99 24.06 -2.38 0.43
N THR A 100 23.73 -3.08 -0.65
CA THR A 100 23.27 -4.51 -0.61
C THR A 100 24.25 -5.35 -1.43
N GLN A 101 24.88 -6.34 -0.77
CA GLN A 101 25.92 -7.21 -1.38
C GLN A 101 25.30 -8.05 -2.51
N GLU A 102 26.12 -8.50 -3.45
CA GLU A 102 25.70 -9.40 -4.57
C GLU A 102 25.34 -10.77 -4.00
N PRO A 103 24.17 -11.34 -4.34
CA PRO A 103 23.86 -12.72 -3.97
C PRO A 103 24.87 -13.69 -4.62
N LYS A 104 24.96 -14.90 -4.09
CA LYS A 104 25.78 -16.03 -4.61
C LYS A 104 25.16 -16.59 -5.89
N GLU A 105 25.89 -17.45 -6.56
CA GLU A 105 25.53 -18.00 -7.89
C GLU A 105 24.28 -18.89 -7.79
N GLY A 106 24.23 -19.80 -6.80
CA GLY A 106 23.04 -20.63 -6.55
C GLY A 106 21.82 -19.74 -6.31
N THR A 107 21.95 -18.64 -5.56
CA THR A 107 20.83 -17.71 -5.24
C THR A 107 20.32 -17.04 -6.53
N LYS A 108 21.23 -16.45 -7.31
CA LYS A 108 20.93 -15.76 -8.59
C LYS A 108 20.26 -16.74 -9.57
N LYS A 109 20.65 -18.01 -9.57
CA LYS A 109 20.03 -19.07 -10.42
C LYS A 109 18.59 -19.35 -9.94
N LEU A 110 18.39 -19.56 -8.63
CA LEU A 110 17.07 -19.83 -8.02
C LEU A 110 16.10 -18.70 -8.40
N MET A 111 16.55 -17.46 -8.26
CA MET A 111 15.73 -16.25 -8.54
C MET A 111 15.38 -16.18 -10.03
N LYS A 112 16.33 -16.46 -10.93
CA LYS A 112 16.13 -16.34 -12.41
C LYS A 112 15.11 -17.39 -12.85
N ILE A 113 15.29 -18.64 -12.44
CA ILE A 113 14.34 -19.76 -12.75
C ILE A 113 12.95 -19.39 -12.20
N THR A 114 12.88 -18.94 -10.95
CA THR A 114 11.59 -18.67 -10.27
C THR A 114 10.89 -17.49 -10.94
N ALA A 115 11.63 -16.40 -11.22
CA ALA A 115 11.09 -15.20 -11.90
C ALA A 115 10.59 -15.54 -13.31
N GLU A 116 11.35 -16.34 -14.06
CA GLU A 116 10.95 -16.74 -15.44
C GLU A 116 9.61 -17.48 -15.34
N TRP A 117 9.51 -18.44 -14.43
CA TRP A 117 8.31 -19.26 -14.24
C TRP A 117 7.14 -18.36 -13.78
N LEU A 118 7.40 -17.39 -12.90
CA LEU A 118 6.29 -16.58 -12.31
C LEU A 118 5.70 -15.62 -13.36
N TRP A 119 6.52 -14.96 -14.17
CA TRP A 119 5.99 -14.06 -15.24
C TRP A 119 5.18 -14.87 -16.25
N LYS A 120 5.60 -16.10 -16.58
CA LYS A 120 4.79 -16.98 -17.44
C LYS A 120 3.47 -17.31 -16.75
N GLU A 121 3.44 -17.65 -15.46
CA GLU A 121 2.14 -17.99 -14.85
C GLU A 121 1.26 -16.75 -14.85
N LEU A 122 1.81 -15.60 -14.50
CA LEU A 122 1.00 -14.36 -14.33
C LEU A 122 0.43 -13.97 -15.72
N GLY A 123 1.19 -14.30 -16.77
CA GLY A 123 0.87 -13.94 -18.17
C GLY A 123 -0.01 -14.97 -18.89
N LYS A 124 -0.30 -16.12 -18.32
CA LYS A 124 -1.15 -17.15 -18.97
C LYS A 124 -2.53 -16.60 -19.34
N LYS A 125 -3.18 -15.81 -18.50
CA LYS A 125 -4.55 -15.32 -18.78
C LYS A 125 -4.59 -13.80 -18.92
N LYS A 126 -3.46 -13.15 -19.16
CA LYS A 126 -3.42 -11.70 -19.28
C LYS A 126 -2.59 -11.36 -20.51
N THR A 127 -2.87 -10.19 -21.12
CA THR A 127 -2.08 -9.66 -22.26
C THR A 127 -1.43 -8.33 -21.91
N PRO A 128 -0.10 -8.23 -21.87
CA PRO A 128 0.54 -6.94 -21.64
C PRO A 128 0.16 -5.96 -22.76
N ARG A 129 -0.03 -4.70 -22.39
CA ARG A 129 -0.56 -3.67 -23.33
C ARG A 129 -0.15 -2.29 -22.80
N MET A 130 -0.04 -1.31 -23.69
CA MET A 130 0.25 0.07 -23.31
C MET A 130 -1.01 0.69 -22.72
N CYS A 131 -0.82 1.51 -21.71
CA CYS A 131 -1.85 2.39 -21.15
C CYS A 131 -1.78 3.71 -21.95
N THR A 132 -2.88 4.46 -22.04
CA THR A 132 -3.01 5.51 -23.07
C THR A 132 -3.13 6.88 -22.41
N ARG A 133 -2.78 7.93 -23.17
CA ARG A 133 -3.00 9.36 -22.78
C ARG A 133 -4.41 9.49 -22.24
N GLU A 134 -5.37 8.87 -22.94
CA GLU A 134 -6.80 8.94 -22.58
C GLU A 134 -6.95 8.42 -21.16
N GLU A 135 -6.48 7.19 -20.87
CA GLU A 135 -6.57 6.56 -19.51
C GLU A 135 -5.87 7.39 -18.44
N PHE A 136 -4.69 7.93 -18.76
CA PHE A 136 -3.83 8.74 -17.85
C PHE A 136 -4.52 10.06 -17.49
N THR A 137 -5.12 10.72 -18.48
CA THR A 137 -5.82 12.02 -18.31
C THR A 137 -7.05 11.81 -17.41
N ARG A 138 -7.76 10.70 -17.59
CA ARG A 138 -8.99 10.39 -16.80
C ARG A 138 -8.61 10.22 -15.33
N LYS A 139 -7.43 9.65 -15.05
CA LYS A 139 -6.94 9.38 -13.67
C LYS A 139 -6.55 10.71 -13.00
N VAL A 140 -5.98 11.65 -13.77
CA VAL A 140 -5.49 12.97 -13.26
C VAL A 140 -6.70 13.86 -12.97
N ARG A 141 -7.78 13.71 -13.75
CA ARG A 141 -9.03 14.51 -13.62
C ARG A 141 -9.95 13.87 -12.57
N SER A 142 -9.50 12.76 -11.96
CA SER A 142 -10.22 12.02 -10.90
C SER A 142 -9.41 12.07 -9.60
N ASN A 143 -8.29 12.79 -9.61
CA ASN A 143 -7.43 13.06 -8.41
C ASN A 143 -6.93 11.73 -7.84
N ALA A 144 -5.66 11.39 -8.12
CA ALA A 144 -4.96 10.19 -7.60
C ALA A 144 -3.47 10.51 -7.43
N ALA A 145 -2.84 9.92 -6.41
CA ALA A 145 -1.44 10.15 -6.01
C ALA A 145 -0.48 9.59 -7.08
N LEU A 146 -0.41 10.24 -8.24
CA LEU A 146 0.50 9.87 -9.36
C LEU A 146 1.95 10.17 -8.97
N GLY A 147 2.15 10.77 -7.79
CA GLY A 147 3.47 11.10 -7.22
C GLY A 147 4.27 12.03 -8.11
N ALA A 148 3.61 13.03 -8.71
CA ALA A 148 4.22 14.03 -9.61
C ALA A 148 4.62 15.28 -8.82
N ILE A 149 5.45 16.14 -9.41
CA ILE A 149 5.85 17.47 -8.86
C ILE A 149 4.89 18.53 -9.40
N LYS A 155 5.22 26.56 -15.15
CA LYS A 155 4.69 26.43 -16.55
C LYS A 155 3.23 25.93 -16.47
N TRP A 156 2.96 24.95 -15.61
CA TRP A 156 1.61 24.42 -15.28
C TRP A 156 1.48 24.32 -13.77
N LYS A 157 0.33 24.70 -13.21
CA LYS A 157 0.03 24.60 -11.76
C LYS A 157 -0.22 23.13 -11.41
N SER A 158 -1.48 22.72 -11.37
CA SER A 158 -1.95 21.34 -11.07
C SER A 158 -1.66 20.42 -12.25
N ALA A 159 -1.79 19.11 -12.04
CA ALA A 159 -1.61 18.06 -13.07
C ALA A 159 -2.66 18.25 -14.18
N ARG A 160 -3.87 18.65 -13.81
CA ARG A 160 -5.01 18.83 -14.73
C ARG A 160 -4.66 19.86 -15.82
N GLU A 161 -3.76 20.81 -15.51
CA GLU A 161 -3.35 21.89 -16.43
C GLU A 161 -2.46 21.32 -17.55
N ALA A 162 -1.51 20.46 -17.20
CA ALA A 162 -0.52 19.86 -18.13
C ALA A 162 -1.23 19.04 -19.21
N VAL A 163 -2.15 18.15 -18.80
CA VAL A 163 -2.80 17.13 -19.68
C VAL A 163 -3.81 17.82 -20.59
N GLU A 164 -4.17 19.07 -20.27
CA GLU A 164 -5.14 19.88 -21.05
C GLU A 164 -4.37 20.91 -21.89
N ASP A 165 -3.06 20.66 -22.11
CA ASP A 165 -2.12 21.56 -22.82
C ASP A 165 -1.24 20.74 -23.76
N SER A 166 -1.51 20.81 -25.07
CA SER A 166 -0.81 20.07 -26.14
C SER A 166 0.70 20.34 -26.09
N GLY A 167 1.10 21.39 -25.36
CA GLY A 167 2.52 21.77 -25.17
C GLY A 167 3.26 20.72 -24.37
N PHE A 168 2.67 20.31 -23.25
CA PHE A 168 3.14 19.20 -22.37
C PHE A 168 3.41 17.95 -23.20
N TRP A 169 2.40 17.50 -23.97
CA TRP A 169 2.50 16.23 -24.75
C TRP A 169 3.69 16.25 -25.74
N GLU A 170 4.06 17.42 -26.27
CA GLU A 170 5.26 17.56 -27.15
C GLU A 170 6.51 17.28 -26.33
N LEU A 171 6.55 17.77 -25.09
CA LEU A 171 7.61 17.43 -24.10
C LEU A 171 7.66 15.91 -23.92
N VAL A 172 6.49 15.29 -23.71
CA VAL A 172 6.33 13.81 -23.53
C VAL A 172 6.83 13.11 -24.80
N ASP A 173 6.37 13.56 -25.98
CA ASP A 173 6.84 13.05 -27.30
C ASP A 173 8.38 13.12 -27.37
N LYS A 174 8.98 14.24 -26.99
CA LYS A 174 10.46 14.37 -27.17
C LYS A 174 11.12 13.27 -26.34
N GLU A 175 10.71 13.15 -25.07
CA GLU A 175 11.28 12.14 -24.13
C GLU A 175 11.04 10.75 -24.70
N ARG A 176 9.81 10.52 -25.18
CA ARG A 176 9.34 9.20 -25.70
C ARG A 176 10.23 8.77 -26.86
N ASN A 177 10.45 9.65 -27.84
CA ASN A 177 11.33 9.34 -29.00
C ASN A 177 12.76 9.12 -28.51
N LEU A 178 13.21 9.88 -27.51
CA LEU A 178 14.52 9.67 -26.83
C LEU A 178 14.60 8.25 -26.22
N HIS A 179 13.57 7.79 -25.51
CA HIS A 179 13.55 6.42 -24.91
C HIS A 179 13.67 5.34 -26.02
N LEU A 180 12.94 5.48 -27.14
CA LEU A 180 13.05 4.59 -28.33
C LEU A 180 14.50 4.59 -28.86
N GLU A 181 15.16 5.75 -28.76
CA GLU A 181 16.58 5.98 -29.12
C GLU A 181 17.51 5.33 -28.08
N GLY A 182 16.95 4.84 -26.97
CA GLY A 182 17.72 4.24 -25.85
C GLY A 182 18.36 5.27 -24.91
N LYS A 183 17.88 6.50 -24.92
CA LYS A 183 18.45 7.65 -24.14
C LYS A 183 17.36 8.31 -23.31
N CYS A 184 17.73 9.11 -22.29
CA CYS A 184 16.81 9.80 -21.33
C CYS A 184 17.34 11.22 -21.05
N GLU A 185 16.45 12.21 -20.91
CA GLU A 185 16.86 13.62 -20.66
C GLU A 185 16.21 14.20 -19.39
N THR A 186 14.98 13.81 -19.05
CA THR A 186 14.14 14.54 -18.08
C THR A 186 13.56 13.63 -17.00
N CYS A 187 13.83 12.31 -17.03
CA CYS A 187 13.31 11.33 -16.03
C CYS A 187 14.24 11.31 -14.79
N VAL A 188 14.05 12.27 -13.89
CA VAL A 188 14.88 12.47 -12.66
C VAL A 188 13.98 12.41 -11.42
N TYR A 189 14.41 11.66 -10.41
CA TYR A 189 13.68 11.44 -9.13
C TYR A 189 13.93 12.63 -8.20
N ASN A 190 12.92 12.99 -7.39
CA ASN A 190 13.03 14.00 -6.31
C ASN A 190 12.67 13.36 -4.96
N MET A 191 13.64 13.17 -4.06
CA MET A 191 13.46 12.43 -2.79
C MET A 191 12.79 13.36 -1.78
N MET A 192 11.86 12.82 -0.97
CA MET A 192 11.09 13.55 0.07
C MET A 192 10.27 12.56 0.90
N ALA A 210 10.26 6.76 2.00
CA ALA A 210 11.09 7.69 1.20
C ALA A 210 10.51 7.79 -0.22
N ILE A 211 9.59 8.74 -0.43
CA ILE A 211 8.84 8.92 -1.71
C ILE A 211 9.69 9.71 -2.71
N TRP A 212 9.85 9.17 -3.92
CA TRP A 212 10.60 9.81 -5.03
C TRP A 212 9.59 10.32 -6.07
N TYR A 213 9.23 11.61 -5.99
CA TYR A 213 8.35 12.30 -6.98
C TYR A 213 9.13 12.52 -8.27
N MET A 214 8.42 12.59 -9.40
CA MET A 214 9.01 12.85 -10.75
C MET A 214 8.03 13.83 -11.36
N TRP A 215 8.39 14.46 -12.48
CA TRP A 215 7.47 15.33 -13.26
C TRP A 215 6.42 14.43 -13.94
N LEU A 216 5.23 14.98 -14.22
CA LEU A 216 4.06 14.22 -14.72
C LEU A 216 4.45 13.44 -15.98
N GLY A 217 5.20 14.08 -16.89
CA GLY A 217 5.66 13.48 -18.15
C GLY A 217 6.35 12.16 -17.94
N ALA A 218 7.31 12.10 -17.00
CA ALA A 218 8.06 10.87 -16.65
C ALA A 218 7.07 9.85 -16.07
N ARG A 219 6.11 10.30 -15.26
CA ARG A 219 5.05 9.45 -14.66
C ARG A 219 4.20 8.84 -15.79
N PHE A 220 3.68 9.69 -16.69
CA PHE A 220 2.86 9.22 -17.84
C PHE A 220 3.59 8.07 -18.53
N LEU A 221 4.83 8.31 -18.97
CA LEU A 221 5.68 7.33 -19.68
C LEU A 221 5.75 6.03 -18.87
N GLU A 222 6.02 6.15 -17.56
CA GLU A 222 6.06 4.98 -16.64
C GLU A 222 4.72 4.25 -16.74
N PHE A 223 3.61 4.99 -16.69
CA PHE A 223 2.22 4.47 -16.72
C PHE A 223 1.95 3.81 -18.07
N GLU A 224 2.43 4.41 -19.17
CA GLU A 224 2.18 3.91 -20.55
C GLU A 224 2.82 2.52 -20.70
N ALA A 225 3.99 2.32 -20.08
CA ALA A 225 4.78 1.11 -20.31
C ALA A 225 4.39 0.02 -19.30
N LEU A 226 4.03 0.38 -18.07
CA LEU A 226 3.96 -0.61 -16.94
C LEU A 226 2.65 -0.48 -16.16
N GLY A 227 1.76 0.46 -16.53
CA GLY A 227 0.46 0.62 -15.85
C GLY A 227 -0.43 -0.58 -15.96
N PHE A 228 -0.25 -1.39 -17.00
CA PHE A 228 -1.08 -2.59 -17.24
C PHE A 228 -1.03 -3.53 -16.03
N LEU A 229 0.10 -3.57 -15.32
CA LEU A 229 0.21 -4.48 -14.14
C LEU A 229 -0.93 -4.18 -13.16
N ASN A 230 -1.16 -2.92 -12.86
CA ASN A 230 -2.25 -2.51 -11.94
C ASN A 230 -3.58 -2.39 -12.67
N GLU A 231 -3.61 -1.73 -13.84
CA GLU A 231 -4.91 -1.47 -14.52
C GLU A 231 -5.61 -2.78 -14.90
N ASP A 232 -4.85 -3.85 -15.24
CA ASP A 232 -5.41 -5.14 -15.69
C ASP A 232 -5.22 -6.21 -14.60
N HIS A 233 -4.92 -5.80 -13.38
CA HIS A 233 -5.10 -6.64 -12.15
C HIS A 233 -4.24 -7.90 -12.24
N TRP A 234 -2.99 -7.76 -12.61
CA TRP A 234 -2.03 -8.90 -12.70
C TRP A 234 -1.85 -9.58 -11.31
N PHE A 235 -1.92 -8.78 -10.24
CA PHE A 235 -1.66 -9.22 -8.85
C PHE A 235 -2.98 -9.42 -8.09
N SER A 236 -4.10 -9.61 -8.81
CA SER A 236 -5.38 -10.09 -8.24
C SER A 236 -5.17 -11.47 -7.62
N ARG A 237 -6.00 -11.90 -6.66
CA ARG A 237 -5.87 -13.27 -6.14
C ARG A 237 -6.19 -14.31 -7.24
N GLU A 238 -7.08 -13.96 -8.18
CA GLU A 238 -7.41 -14.77 -9.38
C GLU A 238 -6.17 -15.00 -10.26
N ASN A 239 -5.46 -13.95 -10.69
CA ASN A 239 -4.33 -14.10 -11.66
C ASN A 239 -3.04 -14.60 -10.99
N SER A 240 -2.80 -14.28 -9.71
CA SER A 240 -1.49 -14.45 -9.02
C SER A 240 -1.53 -15.56 -7.95
N LEU A 241 -2.70 -15.93 -7.44
CA LEU A 241 -2.89 -16.93 -6.33
C LEU A 241 -2.41 -16.43 -4.94
N SER A 242 -1.29 -15.72 -4.86
CA SER A 242 -0.75 -15.17 -3.58
C SER A 242 -1.13 -13.69 -3.41
N GLY A 243 -1.47 -13.01 -4.51
CA GLY A 243 -1.82 -11.59 -4.42
C GLY A 243 -3.18 -11.33 -3.81
N VAL A 244 -3.40 -10.06 -3.47
CA VAL A 244 -4.66 -9.57 -2.90
C VAL A 244 -5.00 -8.23 -3.55
N GLU A 245 -4.45 -7.91 -4.71
CA GLU A 245 -4.72 -6.57 -5.35
C GLU A 245 -6.21 -6.42 -5.63
N GLY A 246 -6.82 -5.32 -5.21
CA GLY A 246 -8.27 -5.10 -5.41
C GLY A 246 -9.18 -5.77 -4.41
N GLU A 247 -8.60 -6.41 -3.37
CA GLU A 247 -9.34 -6.95 -2.20
C GLU A 247 -9.42 -5.87 -1.11
N GLY A 248 -10.65 -5.51 -0.74
CA GLY A 248 -10.89 -4.60 0.40
C GLY A 248 -10.59 -5.26 1.73
N LEU A 249 -10.49 -4.44 2.78
N LEU A 249 -10.47 -4.48 2.83
CA LEU A 249 -10.26 -4.90 4.16
CA LEU A 249 -10.23 -5.01 4.19
C LEU A 249 -11.30 -5.96 4.53
C LEU A 249 -11.32 -6.01 4.54
N HIS A 250 -12.48 -5.92 3.90
CA HIS A 250 -13.57 -6.87 4.23
C HIS A 250 -13.33 -8.26 3.67
N LYS A 251 -12.32 -8.37 2.80
CA LYS A 251 -11.93 -9.62 2.10
C LYS A 251 -10.81 -10.31 2.87
N LEU A 252 -9.84 -9.51 3.34
CA LEU A 252 -8.49 -10.01 3.74
C LEU A 252 -8.59 -11.05 4.85
N GLY A 253 -9.50 -10.87 5.81
CA GLY A 253 -9.61 -11.86 6.89
C GLY A 253 -10.12 -13.21 6.35
N TYR A 254 -11.10 -13.18 5.44
CA TYR A 254 -11.61 -14.41 4.83
C TYR A 254 -10.48 -15.11 4.03
N ILE A 255 -9.62 -14.35 3.36
CA ILE A 255 -8.49 -14.92 2.61
C ILE A 255 -7.53 -15.60 3.60
N LEU A 256 -7.20 -14.96 4.70
CA LEU A 256 -6.27 -15.58 5.69
C LEU A 256 -6.90 -16.84 6.27
N ARG A 257 -8.21 -16.84 6.55
CA ARG A 257 -8.90 -18.03 7.10
C ARG A 257 -8.83 -19.16 6.06
N ASP A 258 -8.93 -18.84 4.77
CA ASP A 258 -8.83 -19.88 3.70
C ASP A 258 -7.39 -20.45 3.66
N VAL A 259 -6.36 -19.65 3.81
CA VAL A 259 -4.98 -20.16 3.89
C VAL A 259 -4.85 -21.08 5.12
N SER A 260 -5.44 -20.71 6.25
CA SER A 260 -5.37 -21.47 7.51
C SER A 260 -5.95 -22.88 7.33
N LYS A 261 -6.85 -23.09 6.38
CA LYS A 261 -7.54 -24.38 6.15
C LYS A 261 -6.59 -25.41 5.50
N LYS A 262 -5.51 -24.96 4.88
CA LYS A 262 -4.49 -25.84 4.27
C LYS A 262 -3.82 -26.67 5.37
N GLU A 263 -3.43 -27.90 5.05
CA GLU A 263 -2.56 -28.66 5.97
C GLU A 263 -1.19 -27.97 5.94
N GLY A 264 -0.55 -27.82 7.08
CA GLY A 264 0.85 -27.40 7.10
C GLY A 264 1.27 -26.91 8.45
N GLY A 265 2.31 -26.09 8.47
CA GLY A 265 2.88 -25.64 9.75
C GLY A 265 2.18 -24.37 10.28
N ALA A 266 2.90 -23.62 11.11
CA ALA A 266 2.49 -22.31 11.63
C ALA A 266 2.26 -21.35 10.47
N MET A 267 1.61 -20.22 10.71
CA MET A 267 1.58 -19.09 9.74
C MET A 267 2.72 -18.12 10.08
N TYR A 268 3.56 -17.81 9.09
CA TYR A 268 4.71 -16.91 9.24
C TYR A 268 4.36 -15.58 8.61
N ALA A 269 4.71 -14.50 9.28
CA ALA A 269 4.43 -13.13 8.81
C ALA A 269 5.63 -12.27 9.16
N ASP A 270 6.77 -12.59 8.57
CA ASP A 270 8.02 -11.88 8.89
C ASP A 270 8.06 -10.62 8.05
N ASP A 271 8.22 -9.46 8.69
CA ASP A 271 8.40 -8.16 7.99
C ASP A 271 9.89 -8.01 7.65
N THR A 272 10.22 -7.72 6.38
CA THR A 272 11.58 -7.29 5.96
C THR A 272 11.82 -5.89 6.51
N ALA A 273 13.06 -5.58 6.92
CA ALA A 273 13.48 -4.22 7.31
C ALA A 273 13.79 -3.41 6.04
N GLY A 274 13.09 -2.28 5.87
CA GLY A 274 13.26 -1.31 4.76
C GLY A 274 13.33 -1.99 3.41
N TRP A 275 12.33 -2.80 3.08
CA TRP A 275 12.26 -3.66 1.87
C TRP A 275 12.82 -2.95 0.62
N ASP A 276 12.40 -1.71 0.37
CA ASP A 276 12.71 -0.97 -0.88
C ASP A 276 14.22 -0.75 -0.97
N THR A 277 14.88 -0.52 0.17
CA THR A 277 16.37 -0.36 0.20
C THR A 277 17.11 -1.67 -0.07
N ARG A 278 16.44 -2.83 -0.04
CA ARG A 278 17.06 -4.17 -0.15
C ARG A 278 16.80 -4.79 -1.53
N ILE A 279 16.25 -4.04 -2.48
CA ILE A 279 16.02 -4.51 -3.88
C ILE A 279 17.37 -4.52 -4.61
N THR A 280 17.87 -5.69 -4.99
CA THR A 280 19.19 -5.87 -5.64
C THR A 280 19.09 -5.60 -7.14
N LEU A 281 20.22 -5.31 -7.80
CA LEU A 281 20.23 -5.12 -9.27
C LEU A 281 19.75 -6.45 -9.88
N GLU A 282 19.99 -7.58 -9.20
CA GLU A 282 19.53 -8.90 -9.68
C GLU A 282 17.98 -8.92 -9.67
N ASP A 283 17.36 -8.40 -8.61
CA ASP A 283 15.87 -8.29 -8.52
C ASP A 283 15.35 -7.40 -9.65
N LEU A 284 15.97 -6.25 -9.92
CA LEU A 284 15.55 -5.35 -11.03
C LEU A 284 15.62 -6.03 -12.42
N LYS A 285 16.67 -6.83 -12.65
CA LYS A 285 16.89 -7.66 -13.87
C LYS A 285 15.76 -8.68 -13.99
N ASN A 286 15.46 -9.40 -12.90
CA ASN A 286 14.38 -10.42 -12.91
C ASN A 286 13.01 -9.76 -13.14
N GLU A 287 12.76 -8.60 -12.56
CA GLU A 287 11.50 -7.84 -12.79
C GLU A 287 11.40 -7.42 -14.29
N GLU A 288 12.53 -7.01 -14.87
CA GLU A 288 12.65 -6.57 -16.29
C GLU A 288 12.18 -7.67 -17.25
N MET A 289 12.29 -8.94 -16.86
CA MET A 289 11.87 -10.07 -17.72
C MET A 289 10.38 -10.02 -18.07
N VAL A 290 9.57 -9.16 -17.44
CA VAL A 290 8.17 -9.02 -17.93
C VAL A 290 8.21 -8.56 -19.42
N THR A 291 9.19 -7.79 -19.82
CA THR A 291 9.33 -7.30 -21.24
C THR A 291 9.47 -8.45 -22.26
N ASN A 292 9.95 -9.63 -21.83
CA ASN A 292 10.03 -10.84 -22.68
C ASN A 292 8.64 -11.24 -23.18
N HIS A 293 7.58 -10.70 -22.59
CA HIS A 293 6.19 -11.09 -22.88
C HIS A 293 5.52 -10.04 -23.77
N MET A 294 6.26 -8.99 -24.11
CA MET A 294 5.75 -7.80 -24.82
C MET A 294 6.18 -7.90 -26.30
N GLU A 295 5.75 -6.95 -27.11
CA GLU A 295 6.10 -6.90 -28.55
C GLU A 295 6.08 -5.45 -29.01
N GLY A 296 6.70 -5.23 -30.17
CA GLY A 296 6.68 -3.95 -30.90
C GLY A 296 7.22 -2.82 -30.05
N GLU A 297 6.56 -1.67 -30.18
CA GLU A 297 6.82 -0.41 -29.46
C GLU A 297 6.85 -0.70 -27.95
N HIS A 298 5.76 -1.24 -27.44
CA HIS A 298 5.53 -1.46 -25.99
C HIS A 298 6.79 -2.06 -25.39
N LYS A 299 7.31 -3.14 -25.98
CA LYS A 299 8.53 -3.84 -25.52
C LYS A 299 9.69 -2.84 -25.40
N LYS A 300 9.90 -2.00 -26.42
CA LYS A 300 11.07 -1.08 -26.43
C LYS A 300 10.87 -0.03 -25.35
N LEU A 301 9.65 0.51 -25.26
CA LEU A 301 9.26 1.54 -24.27
C LEU A 301 9.43 0.99 -22.82
N ALA A 302 9.00 -0.25 -22.53
CA ALA A 302 9.12 -0.87 -21.19
C ALA A 302 10.60 -1.14 -20.90
N GLU A 303 11.34 -1.61 -21.90
CA GLU A 303 12.79 -1.89 -21.78
C GLU A 303 13.51 -0.62 -21.37
N ALA A 304 13.11 0.54 -21.89
CA ALA A 304 13.73 1.85 -21.57
C ALA A 304 13.36 2.29 -20.14
N ILE A 305 12.12 2.12 -19.70
CA ILE A 305 11.79 2.45 -18.29
C ILE A 305 12.75 1.65 -17.39
N PHE A 306 12.84 0.34 -17.55
CA PHE A 306 13.69 -0.52 -16.67
C PHE A 306 15.17 -0.11 -16.74
N LYS A 307 15.71 0.06 -17.97
CA LYS A 307 17.14 0.34 -18.25
C LYS A 307 17.52 1.73 -17.72
N LEU A 308 16.77 2.77 -18.10
CA LEU A 308 17.18 4.19 -17.96
C LEU A 308 16.82 4.72 -16.58
N THR A 309 15.62 4.40 -16.08
CA THR A 309 15.00 5.06 -14.90
C THR A 309 14.93 4.13 -13.67
N TYR A 310 15.03 2.81 -13.84
CA TYR A 310 14.98 1.85 -12.68
C TYR A 310 16.38 1.32 -12.37
N GLN A 311 17.07 0.77 -13.37
CA GLN A 311 18.42 0.19 -13.23
C GLN A 311 19.53 1.24 -13.26
N ASN A 312 19.20 2.52 -13.51
CA ASN A 312 20.16 3.66 -13.55
C ASN A 312 19.44 4.97 -13.22
N LYS A 313 19.38 5.38 -11.95
CA LYS A 313 18.52 6.50 -11.46
C LYS A 313 19.34 7.79 -11.27
N VAL A 314 18.67 8.93 -11.40
CA VAL A 314 19.19 10.29 -11.07
C VAL A 314 18.21 10.93 -10.09
N VAL A 315 18.71 11.40 -8.95
CA VAL A 315 17.84 11.91 -7.84
C VAL A 315 18.38 13.26 -7.38
N ARG A 316 17.47 14.17 -7.05
CA ARG A 316 17.79 15.48 -6.43
C ARG A 316 17.28 15.46 -4.99
N VAL A 317 18.15 15.74 -4.03
CA VAL A 317 17.87 15.68 -2.56
C VAL A 317 18.24 17.01 -1.91
N GLN A 318 17.36 17.53 -1.04
CA GLN A 318 17.56 18.80 -0.29
C GLN A 318 18.44 18.54 0.94
N ARG A 319 19.58 19.24 1.04
CA ARG A 319 20.52 19.16 2.18
C ARG A 319 20.56 20.52 2.88
N PRO A 320 20.34 20.57 4.21
CA PRO A 320 20.33 21.83 4.97
C PRO A 320 21.70 22.53 5.00
N THR A 321 22.78 21.75 4.93
CA THR A 321 24.19 22.23 4.91
C THR A 321 24.29 23.48 4.02
N THR A 325 21.59 25.70 1.74
CA THR A 325 20.71 24.75 1.02
C THR A 325 21.30 24.48 -0.38
N VAL A 326 21.98 23.34 -0.54
CA VAL A 326 22.52 22.87 -1.86
C VAL A 326 21.73 21.64 -2.31
N MET A 327 21.22 21.65 -3.54
CA MET A 327 20.58 20.49 -4.20
C MET A 327 21.68 19.52 -4.64
N ASP A 328 21.66 18.29 -4.11
CA ASP A 328 22.62 17.21 -4.43
C ASP A 328 22.04 16.32 -5.53
N ILE A 329 22.75 16.24 -6.67
CA ILE A 329 22.37 15.37 -7.83
C ILE A 329 23.15 14.06 -7.70
N ILE A 330 22.53 13.07 -7.06
CA ILE A 330 23.13 11.75 -6.72
C ILE A 330 22.56 10.68 -7.66
N SER A 331 23.31 9.61 -7.89
CA SER A 331 22.94 8.49 -8.80
C SER A 331 23.24 7.15 -8.13
N ARG A 332 22.33 6.18 -8.26
CA ARG A 332 22.53 4.77 -7.84
C ARG A 332 21.75 3.87 -8.80
N ARG A 333 22.22 2.63 -8.96
CA ARG A 333 21.57 1.69 -9.91
C ARG A 333 20.58 0.75 -9.20
N ASP A 334 20.77 0.51 -7.90
CA ASP A 334 19.92 -0.47 -7.19
C ASP A 334 18.87 0.22 -6.31
N GLN A 335 18.08 -0.55 -5.56
CA GLN A 335 17.02 -0.01 -4.67
C GLN A 335 15.78 0.36 -5.50
N ARG A 336 14.64 0.45 -4.82
CA ARG A 336 13.36 0.78 -5.51
C ARG A 336 13.10 2.27 -5.38
N GLY A 337 12.74 2.92 -6.49
CA GLY A 337 12.41 4.36 -6.47
C GLY A 337 11.34 4.68 -7.50
N SER A 338 10.69 3.65 -8.04
CA SER A 338 9.66 3.85 -9.09
C SER A 338 8.42 4.52 -8.52
N GLY A 339 7.37 4.63 -9.35
CA GLY A 339 6.09 5.18 -8.86
C GLY A 339 5.47 4.23 -7.84
N GLN A 340 4.61 4.74 -6.95
CA GLN A 340 4.04 3.91 -5.85
C GLN A 340 3.26 2.73 -6.41
N VAL A 341 2.48 2.95 -7.46
CA VAL A 341 1.61 1.85 -8.01
C VAL A 341 2.50 0.81 -8.68
N VAL A 342 3.41 1.23 -9.56
CA VAL A 342 4.37 0.23 -10.11
C VAL A 342 5.18 -0.43 -8.98
N THR A 343 5.62 0.34 -7.98
CA THR A 343 6.40 -0.20 -6.84
C THR A 343 5.57 -1.30 -6.13
N TYR A 344 4.26 -1.09 -5.94
CA TYR A 344 3.41 -2.09 -5.29
C TYR A 344 3.44 -3.39 -6.10
N GLY A 345 3.25 -3.33 -7.43
CA GLY A 345 3.17 -4.58 -8.23
C GLY A 345 4.52 -5.29 -8.27
N LEU A 346 5.61 -4.56 -8.46
CA LEU A 346 6.93 -5.22 -8.56
C LEU A 346 7.39 -5.72 -7.17
N ASN A 347 7.07 -5.01 -6.09
CA ASN A 347 7.30 -5.51 -4.71
C ASN A 347 6.52 -6.81 -4.53
N THR A 348 5.24 -6.88 -4.93
CA THR A 348 4.44 -8.11 -4.79
C THR A 348 5.15 -9.24 -5.58
N PHE A 349 5.57 -8.96 -6.81
CA PHE A 349 6.25 -9.95 -7.68
C PHE A 349 7.48 -10.52 -6.96
N THR A 350 8.37 -9.64 -6.52
CA THR A 350 9.70 -10.05 -6.00
C THR A 350 9.51 -10.71 -4.62
N ASN A 351 8.49 -10.31 -3.87
CA ASN A 351 8.15 -10.94 -2.57
C ASN A 351 7.58 -12.34 -2.85
N MET A 352 6.72 -12.51 -3.87
CA MET A 352 6.19 -13.83 -4.18
C MET A 352 7.37 -14.75 -4.54
N GLU A 353 8.30 -14.22 -5.30
CA GLU A 353 9.49 -15.01 -5.76
C GLU A 353 10.33 -15.43 -4.53
N ALA A 354 10.69 -14.49 -3.69
CA ALA A 354 11.49 -14.72 -2.48
C ALA A 354 10.81 -15.74 -1.57
N GLN A 355 9.49 -15.63 -1.33
CA GLN A 355 8.80 -16.58 -0.45
C GLN A 355 8.72 -18.00 -1.06
N LEU A 356 8.52 -18.16 -2.39
CA LEU A 356 8.56 -19.50 -3.02
C LEU A 356 9.96 -20.09 -2.80
N ILE A 357 10.99 -19.29 -2.91
CA ILE A 357 12.39 -19.79 -2.72
C ILE A 357 12.60 -20.18 -1.25
N ARG A 358 12.07 -19.39 -0.30
CA ARG A 358 12.16 -19.79 1.12
C ARG A 358 11.41 -21.11 1.31
N GLN A 359 10.22 -21.26 0.71
CA GLN A 359 9.48 -22.54 0.77
C GLN A 359 10.38 -23.66 0.16
N MET A 360 10.99 -23.46 -0.99
CA MET A 360 11.85 -24.53 -1.61
C MET A 360 12.96 -24.90 -0.61
N GLU A 361 13.61 -23.93 0.01
CA GLU A 361 14.67 -24.20 1.00
C GLU A 361 14.13 -25.10 2.12
N GLY A 362 12.95 -24.79 2.67
CA GLY A 362 12.41 -25.55 3.80
C GLY A 362 12.12 -26.99 3.37
N GLU A 363 11.70 -27.18 2.12
CA GLU A 363 11.27 -28.51 1.62
C GLU A 363 12.51 -29.28 1.13
N GLY A 364 13.68 -28.71 1.19
CA GLY A 364 14.93 -29.40 0.78
C GLY A 364 15.04 -29.56 -0.73
N VAL A 365 14.51 -28.62 -1.53
CA VAL A 365 14.52 -28.74 -3.02
C VAL A 365 15.96 -28.56 -3.50
N PHE A 366 16.74 -27.68 -2.86
CA PHE A 366 18.17 -27.45 -3.10
C PHE A 366 18.91 -27.49 -1.76
N LYS A 367 20.20 -27.83 -1.77
CA LYS A 367 20.97 -28.12 -0.53
C LYS A 367 21.78 -26.88 -0.15
N SER A 368 22.23 -26.09 -1.12
CA SER A 368 23.13 -24.95 -0.86
C SER A 368 22.99 -23.83 -1.89
N ILE A 369 23.10 -22.58 -1.43
CA ILE A 369 22.91 -21.33 -2.21
C ILE A 369 24.21 -21.00 -2.95
N GLN A 370 25.32 -21.61 -2.52
CA GLN A 370 26.67 -21.34 -3.07
C GLN A 370 26.64 -21.61 -4.58
N HIS A 371 25.95 -22.68 -4.98
CA HIS A 371 25.90 -23.20 -6.36
C HIS A 371 24.82 -24.27 -6.49
N LEU A 372 23.98 -24.16 -7.52
CA LEU A 372 22.97 -25.17 -7.89
C LEU A 372 23.58 -26.15 -8.90
N THR A 373 23.60 -27.43 -8.56
CA THR A 373 23.98 -28.53 -9.49
C THR A 373 23.01 -28.50 -10.66
N VAL A 374 23.33 -29.20 -11.75
CA VAL A 374 22.51 -29.24 -13.00
C VAL A 374 21.18 -29.93 -12.70
N THR A 375 21.21 -30.99 -11.88
CA THR A 375 20.02 -31.80 -11.49
C THR A 375 19.18 -31.03 -10.46
N GLU A 376 19.80 -30.12 -9.70
CA GLU A 376 19.08 -29.24 -8.72
C GLU A 376 18.23 -28.27 -9.55
N GLU A 377 18.77 -27.70 -10.63
CA GLU A 377 18.01 -26.81 -11.55
C GLU A 377 16.73 -27.49 -12.05
N ILE A 378 16.84 -28.73 -12.54
CA ILE A 378 15.69 -29.50 -13.10
C ILE A 378 14.71 -29.85 -11.95
N ALA A 379 15.25 -30.07 -10.75
CA ALA A 379 14.43 -30.34 -9.53
C ALA A 379 13.59 -29.08 -9.17
N VAL A 380 14.22 -27.91 -9.13
CA VAL A 380 13.59 -26.58 -8.88
C VAL A 380 12.51 -26.37 -9.95
N LYS A 381 12.90 -26.52 -11.23
CA LYS A 381 11.97 -26.37 -12.37
C LYS A 381 10.78 -27.30 -12.17
N ASN A 382 11.03 -28.56 -11.79
CA ASN A 382 9.98 -29.60 -11.69
C ASN A 382 9.06 -29.32 -10.50
N TRP A 383 9.62 -28.84 -9.39
CA TRP A 383 8.85 -28.40 -8.18
C TRP A 383 7.84 -27.32 -8.59
N LEU A 384 8.32 -26.28 -9.27
CA LEU A 384 7.49 -25.14 -9.76
C LEU A 384 6.35 -25.66 -10.61
N VAL A 385 6.66 -26.51 -11.59
CA VAL A 385 5.68 -27.03 -12.57
C VAL A 385 4.71 -27.92 -11.82
N ARG A 386 5.22 -28.74 -10.90
CA ARG A 386 4.42 -29.73 -10.17
C ARG A 386 3.62 -29.07 -9.04
N VAL A 387 4.23 -28.19 -8.23
CA VAL A 387 3.48 -27.72 -7.01
C VAL A 387 3.45 -26.19 -6.88
N GLY A 388 4.06 -25.46 -7.82
CA GLY A 388 4.23 -23.99 -7.79
C GLY A 388 2.91 -23.29 -7.47
N ARG A 389 1.84 -23.63 -8.18
CA ARG A 389 0.53 -22.96 -8.02
C ARG A 389 -0.03 -23.24 -6.61
N GLU A 390 0.03 -24.49 -6.15
CA GLU A 390 -0.48 -24.89 -4.82
C GLU A 390 0.27 -24.13 -3.71
N ARG A 391 1.56 -23.88 -3.91
CA ARG A 391 2.45 -23.19 -2.95
C ARG A 391 2.08 -21.69 -2.93
N LEU A 392 1.85 -21.11 -4.11
CA LEU A 392 1.44 -19.67 -4.23
C LEU A 392 0.16 -19.47 -3.42
N SER A 393 -0.74 -20.45 -3.48
CA SER A 393 -2.04 -20.39 -2.79
C SER A 393 -1.90 -20.46 -1.28
N ARG A 394 -0.73 -20.86 -0.76
CA ARG A 394 -0.48 -20.99 0.69
C ARG A 394 -0.02 -19.64 1.23
N MET A 395 -0.22 -18.57 0.47
CA MET A 395 0.33 -17.24 0.82
C MET A 395 -0.66 -16.11 0.53
N ALA A 396 -0.46 -15.00 1.24
CA ALA A 396 -1.16 -13.71 1.02
C ALA A 396 -0.07 -12.65 1.02
N ILE A 397 0.12 -11.98 -0.11
CA ILE A 397 1.24 -11.05 -0.32
C ILE A 397 0.71 -9.73 -0.89
N SER A 398 1.00 -8.67 -0.15
CA SER A 398 0.62 -7.28 -0.46
C SER A 398 1.88 -6.45 -0.47
N GLY A 399 2.50 -6.33 -1.65
CA GLY A 399 3.79 -5.62 -1.72
C GLY A 399 4.83 -6.25 -0.81
N ASP A 400 5.43 -5.49 0.12
CA ASP A 400 6.49 -6.08 0.99
C ASP A 400 5.88 -6.87 2.16
N ASP A 401 4.59 -6.97 2.25
CA ASP A 401 3.92 -7.64 3.39
C ASP A 401 3.50 -9.04 2.99
N CYS A 402 3.83 -10.07 3.78
CA CYS A 402 3.43 -11.46 3.46
C CYS A 402 2.92 -12.20 4.68
N VAL A 403 2.08 -13.18 4.40
CA VAL A 403 1.71 -14.30 5.32
C VAL A 403 1.91 -15.57 4.52
N VAL A 404 2.61 -16.53 5.11
CA VAL A 404 2.97 -17.81 4.42
C VAL A 404 2.56 -18.94 5.34
N LYS A 405 1.76 -19.87 4.88
CA LYS A 405 1.51 -21.16 5.60
C LYS A 405 2.23 -22.29 4.87
N PRO A 406 3.49 -22.56 5.23
CA PRO A 406 4.28 -23.58 4.53
C PRO A 406 3.80 -25.00 4.83
N LEU A 407 4.35 -25.96 4.08
CA LEU A 407 4.07 -27.41 4.22
C LEU A 407 4.34 -27.85 5.68
N ASP A 408 5.35 -27.31 6.36
CA ASP A 408 5.69 -27.67 7.76
C ASP A 408 6.59 -26.59 8.34
N ASP A 409 7.09 -26.79 9.55
CA ASP A 409 7.86 -25.73 10.23
C ASP A 409 9.37 -25.76 9.91
N ARG A 410 9.84 -26.59 8.99
CA ARG A 410 11.26 -26.46 8.54
C ARG A 410 11.49 -25.08 7.96
N PHE A 411 10.44 -24.45 7.38
CA PHE A 411 10.42 -23.05 6.90
C PHE A 411 10.99 -22.10 7.93
N ALA A 412 10.70 -22.26 9.25
CA ALA A 412 11.11 -21.30 10.30
C ALA A 412 12.63 -21.06 10.32
N SER A 413 13.44 -22.09 10.04
CA SER A 413 14.93 -21.99 10.08
C SER A 413 15.53 -22.04 8.68
N ALA A 414 14.73 -21.87 7.62
CA ALA A 414 15.21 -21.90 6.22
C ALA A 414 15.53 -20.45 5.85
N LEU A 415 16.73 -19.98 6.19
CA LEU A 415 17.07 -18.53 6.20
C LEU A 415 18.22 -18.18 5.25
N THR A 416 18.88 -19.14 4.60
CA THR A 416 20.14 -18.83 3.85
C THR A 416 19.80 -18.04 2.58
N ALA A 417 18.85 -18.51 1.77
CA ALA A 417 18.42 -17.79 0.55
C ALA A 417 17.81 -16.44 0.94
N LEU A 418 16.90 -16.41 1.93
CA LEU A 418 16.24 -15.14 2.34
C LEU A 418 17.29 -14.09 2.68
N ASN A 419 18.26 -14.45 3.54
CA ASN A 419 19.32 -13.50 3.98
C ASN A 419 20.22 -13.16 2.78
N ASP A 420 20.54 -14.13 1.93
CA ASP A 420 21.48 -13.92 0.79
C ASP A 420 20.81 -13.08 -0.32
N MET A 421 19.48 -13.15 -0.51
CA MET A 421 18.75 -12.23 -1.44
C MET A 421 18.73 -10.81 -0.87
N GLY A 422 19.15 -10.62 0.39
CA GLY A 422 19.15 -9.33 1.11
C GLY A 422 17.84 -8.99 1.80
N LYS A 423 16.86 -9.89 1.82
CA LYS A 423 15.56 -9.65 2.51
C LYS A 423 15.62 -10.05 3.99
N VAL A 424 16.44 -9.33 4.73
CA VAL A 424 16.72 -9.52 6.19
C VAL A 424 15.47 -9.15 6.98
N ARG A 425 15.07 -10.04 7.88
CA ARG A 425 13.88 -9.90 8.73
C ARG A 425 14.12 -8.79 9.74
N LYS A 426 13.06 -8.02 10.02
CA LYS A 426 12.97 -6.93 11.01
C LYS A 426 12.88 -7.54 12.43
N ASP A 427 13.60 -7.00 13.41
CA ASP A 427 13.31 -7.22 14.86
C ASP A 427 13.49 -8.69 15.26
N ILE A 428 14.51 -9.35 14.70
CA ILE A 428 14.89 -10.75 15.05
C ILE A 428 16.35 -10.89 14.61
N GLN A 429 17.12 -11.74 15.30
CA GLN A 429 18.55 -11.94 14.94
C GLN A 429 18.64 -12.68 13.60
N GLN A 430 19.63 -12.31 12.79
CA GLN A 430 19.73 -12.84 11.41
C GLN A 430 19.53 -14.36 11.32
N TRP A 431 20.03 -15.13 12.27
CA TRP A 431 19.97 -16.61 12.13
C TRP A 431 19.04 -17.26 13.16
N GLU A 432 18.27 -16.47 13.90
CA GLU A 432 17.29 -17.02 14.85
C GLU A 432 16.04 -17.46 14.06
N PRO A 433 15.47 -18.64 14.33
CA PRO A 433 14.32 -19.13 13.56
C PRO A 433 13.11 -18.23 13.75
N SER A 434 12.31 -18.05 12.70
CA SER A 434 11.11 -17.21 12.74
C SER A 434 10.14 -17.72 13.81
N ARG A 435 9.47 -16.79 14.51
CA ARG A 435 8.28 -17.05 15.36
C ARG A 435 7.05 -17.16 14.44
N GLY A 436 6.38 -18.31 14.41
CA GLY A 436 5.11 -18.47 13.69
C GLY A 436 3.89 -18.18 14.57
N TRP A 437 2.73 -18.09 13.94
CA TRP A 437 1.45 -17.84 14.61
C TRP A 437 0.65 -19.12 14.49
N ASN A 438 0.04 -19.56 15.58
CA ASN A 438 -0.78 -20.79 15.56
C ASN A 438 -2.24 -20.53 15.22
N ASP A 439 -2.72 -19.29 15.19
CA ASP A 439 -4.17 -19.02 15.01
C ASP A 439 -4.26 -17.87 14.00
N TRP A 440 -4.98 -18.07 12.90
CA TRP A 440 -5.10 -17.08 11.82
C TRP A 440 -5.66 -15.75 12.37
N THR A 441 -6.37 -15.80 13.47
CA THR A 441 -6.97 -14.58 14.09
C THR A 441 -5.94 -13.72 14.82
N GLN A 442 -4.70 -14.20 14.99
CA GLN A 442 -3.64 -13.45 15.68
C GLN A 442 -2.52 -13.05 14.70
N VAL A 443 -2.63 -13.42 13.42
CA VAL A 443 -1.62 -13.08 12.38
C VAL A 443 -1.74 -11.61 12.03
N PRO A 444 -0.65 -10.83 12.00
CA PRO A 444 -0.71 -9.47 11.47
C PRO A 444 -0.66 -9.43 9.94
N PHE A 445 -1.43 -8.57 9.27
CA PHE A 445 -1.38 -8.43 7.79
C PHE A 445 -1.99 -7.09 7.41
N CYS A 446 -1.25 -6.31 6.63
CA CYS A 446 -1.72 -4.98 6.14
C CYS A 446 -2.18 -4.11 7.32
N SER A 447 -1.41 -4.11 8.41
CA SER A 447 -1.58 -3.29 9.63
C SER A 447 -2.81 -3.72 10.44
N HIS A 448 -3.39 -4.89 10.19
CA HIS A 448 -4.62 -5.36 10.86
C HIS A 448 -4.40 -6.76 11.46
N HIS A 449 -5.35 -7.15 12.30
CA HIS A 449 -5.66 -8.56 12.61
C HIS A 449 -7.14 -8.73 12.33
N PHE A 450 -7.64 -9.95 12.45
CA PHE A 450 -9.00 -10.29 11.98
C PHE A 450 -9.69 -11.14 13.04
N HIS A 451 -10.95 -10.82 13.28
CA HIS A 451 -11.83 -11.49 14.27
C HIS A 451 -12.89 -12.31 13.54
N GLU A 452 -13.24 -13.47 14.08
CA GLU A 452 -14.43 -14.25 13.67
C GLU A 452 -15.62 -13.82 14.52
N LEU A 453 -16.68 -13.29 13.94
CA LEU A 453 -17.77 -12.67 14.74
C LEU A 453 -19.09 -13.32 14.32
N ILE A 454 -19.84 -13.89 15.25
CA ILE A 454 -21.04 -14.67 14.87
C ILE A 454 -22.28 -13.80 15.11
N MET A 455 -23.07 -13.63 14.07
CA MET A 455 -24.31 -12.82 14.14
C MET A 455 -25.35 -13.61 14.96
N LYS A 456 -26.26 -12.87 15.59
N LYS A 456 -26.26 -12.86 15.58
CA LYS A 456 -27.37 -13.44 16.40
CA LYS A 456 -27.39 -13.43 16.39
C LYS A 456 -28.10 -14.51 15.57
C LYS A 456 -28.09 -14.51 15.57
N ASP A 457 -28.13 -14.36 14.24
CA ASP A 457 -28.78 -15.35 13.33
C ASP A 457 -27.86 -16.49 12.89
N GLY A 458 -26.64 -16.63 13.44
CA GLY A 458 -25.74 -17.76 13.11
C GLY A 458 -24.76 -17.47 11.99
N ARG A 459 -24.92 -16.43 11.17
CA ARG A 459 -24.02 -16.28 10.01
C ARG A 459 -22.67 -15.74 10.53
N VAL A 460 -21.60 -15.98 9.81
CA VAL A 460 -20.21 -15.69 10.25
C VAL A 460 -19.63 -14.50 9.47
N LEU A 461 -19.19 -13.49 10.23
CA LEU A 461 -18.45 -12.34 9.68
C LEU A 461 -16.96 -12.53 10.08
N VAL A 462 -16.07 -12.31 9.15
CA VAL A 462 -14.62 -12.18 9.46
C VAL A 462 -14.27 -10.73 9.23
N VAL A 463 -13.98 -10.02 10.32
CA VAL A 463 -13.87 -8.54 10.31
C VAL A 463 -12.45 -8.06 10.57
N PRO A 464 -12.06 -6.95 9.93
CA PRO A 464 -10.75 -6.33 10.17
C PRO A 464 -10.73 -5.52 11.47
N CYS A 465 -9.56 -5.43 12.08
CA CYS A 465 -9.42 -4.76 13.40
C CYS A 465 -7.98 -4.25 13.58
N ARG A 466 -7.83 -3.15 14.32
CA ARG A 466 -6.50 -2.74 14.82
C ARG A 466 -6.73 -1.93 16.07
N ASN A 467 -5.65 -1.66 16.79
CA ASN A 467 -5.79 -0.94 18.07
C ASN A 467 -6.59 0.36 17.80
N GLN A 468 -7.57 0.67 18.65
CA GLN A 468 -8.54 1.74 18.33
C GLN A 468 -7.85 3.10 18.44
N ASP A 469 -6.78 3.23 19.25
CA ASP A 469 -6.07 4.52 19.32
C ASP A 469 -5.53 4.88 17.94
N GLU A 470 -5.02 3.90 17.19
CA GLU A 470 -4.46 4.15 15.84
C GLU A 470 -5.58 4.66 14.91
N LEU A 471 -6.77 4.07 14.99
CA LEU A 471 -7.90 4.48 14.11
C LEU A 471 -8.37 5.90 14.44
N ILE A 472 -8.57 6.20 15.72
CA ILE A 472 -9.03 7.56 16.12
C ILE A 472 -7.95 8.60 15.79
N GLY A 473 -6.69 8.30 16.10
CA GLY A 473 -5.57 9.21 15.88
C GLY A 473 -5.42 9.55 14.40
N ARG A 474 -5.65 8.59 13.51
CA ARG A 474 -5.50 8.83 12.04
C ARG A 474 -6.68 9.71 11.55
N ALA A 475 -7.89 9.47 12.02
CA ALA A 475 -9.10 10.19 11.56
C ALA A 475 -9.02 11.65 12.01
N ARG A 476 -8.24 11.96 13.06
CA ARG A 476 -8.09 13.33 13.61
C ARG A 476 -7.03 14.12 12.83
N ILE A 477 -6.46 13.53 11.78
CA ILE A 477 -5.38 14.21 11.02
C ILE A 477 -5.77 14.50 9.57
N SER A 478 -5.45 15.72 9.10
N SER A 478 -5.45 15.72 9.10
CA SER A 478 -5.73 16.08 7.69
CA SER A 478 -5.72 16.08 7.69
C SER A 478 -4.41 16.50 7.05
C SER A 478 -4.41 16.52 7.05
N GLN A 479 -4.23 16.22 5.77
CA GLN A 479 -2.98 16.59 5.05
C GLN A 479 -3.28 17.74 4.10
N GLY A 480 -2.47 18.81 4.15
CA GLY A 480 -2.63 19.90 3.17
C GLY A 480 -3.15 21.23 3.69
N ALA A 481 -3.10 22.27 2.86
CA ALA A 481 -3.53 23.64 3.22
C ALA A 481 -4.85 24.00 2.53
N GLY A 482 -5.48 25.08 2.98
CA GLY A 482 -6.66 25.68 2.35
C GLY A 482 -7.88 24.81 2.51
N TRP A 483 -7.98 24.02 3.61
CA TRP A 483 -9.24 23.26 3.83
C TRP A 483 -10.33 24.22 4.32
N SER A 484 -11.43 24.31 3.61
CA SER A 484 -12.64 24.97 4.13
C SER A 484 -13.22 24.12 5.28
N LEU A 485 -14.16 24.68 6.04
CA LEU A 485 -14.94 23.91 7.05
C LEU A 485 -15.75 22.79 6.37
N ARG A 486 -16.38 23.08 5.21
CA ARG A 486 -17.12 22.04 4.48
C ARG A 486 -16.18 20.90 4.05
N GLU A 487 -15.01 21.19 3.51
CA GLU A 487 -14.09 20.11 3.07
C GLU A 487 -13.58 19.30 4.28
N THR A 488 -13.30 19.98 5.40
CA THR A 488 -12.89 19.29 6.66
C THR A 488 -14.04 18.36 7.12
N ALA A 489 -15.27 18.85 7.15
CA ALA A 489 -16.45 18.03 7.50
C ALA A 489 -16.57 16.81 6.59
N CYS A 490 -16.38 16.97 5.27
CA CYS A 490 -16.59 15.86 4.32
C CYS A 490 -15.46 14.81 4.50
N LEU A 491 -14.23 15.21 4.85
CA LEU A 491 -13.16 14.25 5.22
C LEU A 491 -13.51 13.51 6.51
N GLY A 492 -14.10 14.20 7.50
CA GLY A 492 -14.57 13.51 8.69
C GLY A 492 -15.64 12.49 8.38
N LYS A 493 -16.55 12.83 7.47
CA LYS A 493 -17.61 11.91 7.03
C LYS A 493 -17.01 10.68 6.33
N SER A 494 -15.97 10.83 5.52
CA SER A 494 -15.26 9.69 4.89
C SER A 494 -14.78 8.73 5.99
N TYR A 495 -14.10 9.24 7.02
CA TYR A 495 -13.64 8.34 8.11
C TYR A 495 -14.83 7.67 8.79
N ALA A 496 -15.88 8.42 9.11
CA ALA A 496 -17.07 7.89 9.80
C ALA A 496 -17.65 6.73 8.99
N GLN A 497 -17.85 6.94 7.69
CA GLN A 497 -18.46 5.89 6.84
C GLN A 497 -17.52 4.66 6.72
N MET A 498 -16.21 4.87 6.72
CA MET A 498 -15.27 3.73 6.73
C MET A 498 -15.45 2.94 8.02
N TRP A 499 -15.54 3.63 9.14
CA TRP A 499 -15.76 2.96 10.44
C TRP A 499 -17.07 2.14 10.46
N SER A 500 -18.17 2.71 9.94
N SER A 500 -18.17 2.69 9.90
CA SER A 500 -19.48 2.02 9.87
CA SER A 500 -19.48 2.01 9.89
C SER A 500 -19.31 0.71 9.09
C SER A 500 -19.43 0.75 9.01
N LEU A 501 -18.58 0.74 7.97
CA LEU A 501 -18.45 -0.43 7.06
C LEU A 501 -17.41 -1.44 7.55
N MET A 502 -16.28 -1.02 8.11
CA MET A 502 -15.14 -1.92 8.39
C MET A 502 -15.06 -2.20 9.89
N TYR A 503 -15.41 -1.24 10.75
CA TYR A 503 -15.12 -1.31 12.19
C TYR A 503 -16.38 -1.16 13.03
N PHE A 504 -17.52 -1.54 12.46
CA PHE A 504 -18.86 -1.47 13.10
C PHE A 504 -18.89 -2.27 14.41
N HIS A 505 -18.01 -3.27 14.50
CA HIS A 505 -17.92 -4.20 15.66
C HIS A 505 -17.19 -3.59 16.88
N ARG A 506 -16.67 -2.35 16.76
CA ARG A 506 -16.01 -1.62 17.86
C ARG A 506 -17.05 -0.62 18.38
N ARG A 507 -17.53 -0.81 19.61
CA ARG A 507 -18.60 0.03 20.20
C ARG A 507 -18.29 1.53 20.03
N ASP A 508 -17.09 1.99 20.35
CA ASP A 508 -16.76 3.43 20.37
C ASP A 508 -16.82 3.96 18.91
N LEU A 509 -16.40 3.16 17.93
CA LEU A 509 -16.30 3.67 16.55
C LEU A 509 -17.72 3.68 15.95
N ARG A 510 -18.59 2.74 16.30
CA ARG A 510 -19.94 2.77 15.70
C ARG A 510 -20.65 4.02 16.25
N LEU A 511 -20.46 4.32 17.54
CA LEU A 511 -21.07 5.51 18.18
C LEU A 511 -20.48 6.78 17.56
N ALA A 512 -19.17 6.89 17.44
CA ALA A 512 -18.52 8.12 16.94
C ALA A 512 -18.88 8.30 15.45
N ALA A 513 -18.97 7.21 14.69
CA ALA A 513 -19.36 7.26 13.25
C ALA A 513 -20.78 7.84 13.13
N ASN A 514 -21.68 7.30 13.94
CA ASN A 514 -23.08 7.81 13.93
C ASN A 514 -23.10 9.28 14.33
N ALA A 515 -22.31 9.70 15.32
CA ALA A 515 -22.26 11.11 15.76
C ALA A 515 -21.75 12.00 14.61
N ILE A 516 -20.64 11.63 13.93
CA ILE A 516 -20.04 12.45 12.86
C ILE A 516 -21.07 12.55 11.71
N CYS A 517 -21.70 11.44 11.37
CA CYS A 517 -22.70 11.43 10.26
C CYS A 517 -23.91 12.29 10.64
N SER A 518 -24.21 12.43 11.93
CA SER A 518 -25.33 13.26 12.44
C SER A 518 -24.93 14.73 12.38
N ALA A 519 -23.63 15.03 12.51
CA ALA A 519 -23.10 16.40 12.68
C ALA A 519 -22.80 17.03 11.33
N VAL A 520 -22.64 16.24 10.29
CA VAL A 520 -22.28 16.75 8.95
C VAL A 520 -23.57 16.73 8.11
N PRO A 521 -23.89 17.80 7.34
CA PRO A 521 -25.11 17.79 6.56
C PRO A 521 -25.26 16.51 5.75
N SER A 522 -26.47 15.95 5.74
N SER A 522 -26.48 15.98 5.74
CA SER A 522 -26.75 14.58 5.24
CA SER A 522 -26.85 14.64 5.22
C SER A 522 -26.37 14.44 3.76
C SER A 522 -26.37 14.46 3.78
N HIS A 523 -26.54 15.48 2.93
CA HIS A 523 -26.25 15.38 1.47
C HIS A 523 -24.82 15.76 1.10
N TRP A 524 -23.99 16.21 2.02
CA TRP A 524 -22.59 16.58 1.68
C TRP A 524 -21.80 15.31 1.36
N VAL A 525 -20.98 15.37 0.32
CA VAL A 525 -20.33 14.17 -0.27
C VAL A 525 -18.99 13.93 0.44
N PRO A 526 -18.74 12.72 0.95
CA PRO A 526 -17.44 12.43 1.51
C PRO A 526 -16.29 12.65 0.52
N THR A 527 -15.17 13.17 1.01
CA THR A 527 -13.97 13.46 0.19
C THR A 527 -12.70 12.97 0.84
N SER A 528 -11.64 12.89 0.04
CA SER A 528 -10.25 12.61 0.46
C SER A 528 -9.31 13.04 -0.67
N ARG A 529 -8.43 14.02 -0.41
CA ARG A 529 -7.35 14.44 -1.33
C ARG A 529 -6.36 13.28 -1.50
N THR A 530 -6.16 12.51 -0.42
CA THR A 530 -5.17 11.41 -0.31
C THR A 530 -5.83 10.06 -0.65
N ALA A 536 -7.00 -1.44 -1.36
CA ALA A 536 -8.28 -1.28 -0.61
C ALA A 536 -9.35 -0.67 -1.52
N THR A 537 -10.50 -1.35 -1.64
CA THR A 537 -11.70 -0.86 -2.38
C THR A 537 -12.56 -0.02 -1.44
N HIS A 538 -12.82 1.24 -1.81
N HIS A 538 -12.83 1.24 -1.85
CA HIS A 538 -13.32 2.29 -0.89
CA HIS A 538 -13.34 2.34 -1.00
C HIS A 538 -14.85 2.41 -1.02
C HIS A 538 -14.87 2.41 -1.06
N GLU A 539 -15.57 1.36 -0.61
CA GLU A 539 -17.05 1.32 -0.68
C GLU A 539 -17.72 2.38 0.20
N TRP A 540 -17.01 2.96 1.18
CA TRP A 540 -17.59 3.99 2.08
C TRP A 540 -17.62 5.35 1.36
N MET A 541 -16.98 5.51 0.19
CA MET A 541 -16.91 6.83 -0.47
C MET A 541 -18.17 6.98 -1.33
N THR A 542 -19.29 7.41 -0.75
CA THR A 542 -20.65 7.35 -1.38
C THR A 542 -21.63 8.15 -0.55
N THR A 543 -22.76 8.62 -1.12
CA THR A 543 -23.87 9.21 -0.33
C THR A 543 -25.04 8.22 -0.18
N GLU A 544 -24.92 6.97 -0.66
CA GLU A 544 -25.89 5.90 -0.37
C GLU A 544 -26.01 5.64 1.14
N ASP A 545 -27.17 5.20 1.58
CA ASP A 545 -27.46 4.82 2.99
C ASP A 545 -26.44 3.75 3.45
N MET A 546 -25.76 3.92 4.60
CA MET A 546 -24.65 2.98 4.99
C MET A 546 -25.23 1.60 5.30
N LEU A 547 -26.49 1.47 5.71
CA LEU A 547 -27.05 0.11 5.93
C LEU A 547 -27.14 -0.63 4.59
N THR A 548 -27.58 0.03 3.51
CA THR A 548 -27.66 -0.59 2.17
C THR A 548 -26.26 -0.99 1.69
N VAL A 549 -25.24 -0.17 1.92
CA VAL A 549 -23.85 -0.49 1.54
C VAL A 549 -23.37 -1.68 2.38
N TRP A 550 -23.65 -1.67 3.68
CA TRP A 550 -23.21 -2.77 4.58
C TRP A 550 -23.78 -4.09 4.02
N ASN A 551 -25.09 -4.11 3.73
CA ASN A 551 -25.74 -5.30 3.15
C ASN A 551 -25.06 -5.75 1.86
N ARG A 552 -24.74 -4.84 0.96
CA ARG A 552 -24.16 -5.19 -0.33
C ARG A 552 -22.79 -5.84 -0.08
N VAL A 553 -21.98 -5.25 0.81
CA VAL A 553 -20.55 -5.67 1.00
C VAL A 553 -20.49 -6.96 1.82
N TRP A 554 -21.20 -7.04 2.94
CA TRP A 554 -21.07 -8.13 3.91
C TRP A 554 -22.00 -9.30 3.62
N ILE A 555 -23.09 -9.10 2.84
CA ILE A 555 -24.06 -10.20 2.57
C ILE A 555 -24.11 -10.46 1.07
N GLN A 556 -24.64 -9.53 0.26
CA GLN A 556 -25.01 -9.82 -1.16
C GLN A 556 -23.75 -10.25 -1.93
N GLU A 557 -22.65 -9.50 -1.85
CA GLU A 557 -21.45 -9.69 -2.69
C GLU A 557 -20.38 -10.54 -1.97
N ASN A 558 -20.67 -11.03 -0.77
CA ASN A 558 -19.67 -11.79 0.04
C ASN A 558 -19.68 -13.26 -0.36
N PRO A 559 -18.65 -13.77 -1.07
CA PRO A 559 -18.67 -15.15 -1.54
C PRO A 559 -18.58 -16.17 -0.41
N TRP A 560 -18.21 -15.75 0.80
CA TRP A 560 -18.17 -16.68 1.94
C TRP A 560 -19.52 -16.79 2.71
N MET A 561 -20.56 -16.00 2.38
CA MET A 561 -21.88 -15.95 3.05
C MET A 561 -22.89 -16.67 2.13
N GLU A 562 -23.34 -17.87 2.47
CA GLU A 562 -24.28 -18.62 1.57
C GLU A 562 -25.70 -18.05 1.72
N ASP A 563 -26.14 -17.75 2.93
CA ASP A 563 -27.50 -17.19 3.16
C ASP A 563 -27.49 -15.68 2.86
N LYS A 564 -28.29 -15.24 1.89
CA LYS A 564 -28.29 -13.84 1.38
C LYS A 564 -29.43 -13.02 1.99
N THR A 565 -29.98 -13.44 3.12
CA THR A 565 -31.08 -12.71 3.80
C THR A 565 -30.55 -11.33 4.23
N PRO A 566 -31.13 -10.21 3.74
CA PRO A 566 -30.63 -8.88 4.11
C PRO A 566 -30.86 -8.62 5.59
N VAL A 567 -30.00 -7.80 6.18
CA VAL A 567 -30.17 -7.29 7.56
C VAL A 567 -31.09 -6.06 7.46
N GLU A 568 -32.04 -5.92 8.38
CA GLU A 568 -33.08 -4.85 8.29
C GLU A 568 -32.70 -3.65 9.14
N SER A 569 -31.79 -3.80 10.11
CA SER A 569 -31.42 -2.68 10.99
C SER A 569 -30.01 -2.91 11.55
N TRP A 570 -29.40 -1.82 12.00
CA TRP A 570 -28.03 -1.86 12.57
C TRP A 570 -28.03 -2.73 13.84
N GLU A 571 -29.16 -2.90 14.53
CA GLU A 571 -29.23 -3.70 15.79
C GLU A 571 -29.00 -5.19 15.52
N GLU A 572 -29.22 -5.66 14.32
CA GLU A 572 -28.88 -7.04 13.92
C GLU A 572 -27.37 -7.24 13.74
N ILE A 573 -26.59 -6.17 13.67
CA ILE A 573 -25.14 -6.25 13.30
C ILE A 573 -24.36 -6.28 14.62
N PRO A 574 -23.58 -7.35 14.89
CA PRO A 574 -22.99 -7.56 16.21
C PRO A 574 -21.71 -6.72 16.47
N TYR A 575 -21.32 -6.68 17.73
CA TYR A 575 -20.02 -6.17 18.21
C TYR A 575 -19.10 -7.35 18.59
N LEU A 576 -17.81 -7.05 18.73
CA LEU A 576 -16.88 -7.93 19.48
C LEU A 576 -17.43 -8.13 20.88
N GLY A 577 -17.03 -9.20 21.57
CA GLY A 577 -17.21 -9.27 23.04
C GLY A 577 -16.73 -8.00 23.74
N LYS A 578 -17.38 -7.64 24.85
CA LYS A 578 -17.00 -6.45 25.67
C LYS A 578 -15.51 -6.51 26.04
N ARG A 579 -15.02 -7.66 26.49
CA ARG A 579 -13.63 -7.79 26.95
C ARG A 579 -12.69 -7.71 25.73
N GLU A 580 -13.04 -8.32 24.62
CA GLU A 580 -12.22 -8.26 23.36
C GLU A 580 -12.13 -6.81 22.87
N ASP A 581 -13.22 -6.07 22.98
CA ASP A 581 -13.31 -4.65 22.52
C ASP A 581 -12.34 -3.83 23.36
N GLN A 582 -12.31 -4.05 24.69
CA GLN A 582 -11.32 -3.40 25.58
C GLN A 582 -9.90 -3.82 25.20
N TRP A 583 -9.63 -5.12 25.01
CA TRP A 583 -8.28 -5.58 24.62
C TRP A 583 -7.76 -4.81 23.38
N CYS A 584 -8.67 -4.55 22.43
CA CYS A 584 -8.30 -3.85 21.18
C CYS A 584 -8.47 -2.32 21.29
N GLY A 585 -8.51 -1.76 22.52
CA GLY A 585 -8.32 -0.32 22.86
C GLY A 585 -9.61 0.42 23.17
N SER A 586 -10.77 -0.22 23.26
CA SER A 586 -12.07 0.42 23.61
C SER A 586 -11.96 1.15 24.97
N LEU A 587 -12.62 2.28 25.08
CA LEU A 587 -12.79 2.99 26.36
C LEU A 587 -14.05 2.59 27.12
N ILE A 588 -14.84 1.61 26.63
CA ILE A 588 -16.06 1.14 27.35
C ILE A 588 -15.62 0.82 28.80
N GLY A 589 -16.41 1.26 29.77
CA GLY A 589 -16.11 1.02 31.19
C GLY A 589 -15.47 2.23 31.83
N LEU A 590 -14.93 3.20 31.10
CA LEU A 590 -14.36 4.42 31.70
C LEU A 590 -15.48 5.47 31.88
N THR A 591 -15.34 6.28 32.93
CA THR A 591 -16.23 7.44 33.22
C THR A 591 -16.20 8.46 32.08
N SER A 592 -15.03 8.84 31.58
CA SER A 592 -14.91 9.77 30.42
C SER A 592 -15.81 9.28 29.24
N ARG A 593 -15.81 8.00 28.93
CA ARG A 593 -16.51 7.43 27.75
C ARG A 593 -18.02 7.46 28.04
N ALA A 594 -18.43 7.09 29.26
CA ALA A 594 -19.86 7.08 29.61
C ALA A 594 -20.45 8.51 29.50
N THR A 595 -19.71 9.52 29.92
CA THR A 595 -20.22 10.90 29.87
C THR A 595 -20.32 11.34 28.40
N TRP A 596 -19.31 10.98 27.61
CA TRP A 596 -19.33 11.27 26.14
C TRP A 596 -20.57 10.66 25.50
N ALA A 597 -20.81 9.37 25.72
CA ALA A 597 -21.93 8.64 25.09
C ALA A 597 -23.27 9.25 25.52
N LYS A 598 -23.43 9.46 26.82
CA LYS A 598 -24.70 10.04 27.37
C LYS A 598 -24.97 11.41 26.78
N ASN A 599 -23.96 12.26 26.66
CA ASN A 599 -24.10 13.67 26.26
C ASN A 599 -23.80 13.85 24.76
N ILE A 600 -23.87 12.81 23.95
CA ILE A 600 -23.35 12.91 22.54
C ILE A 600 -24.13 13.98 21.71
N GLN A 601 -25.43 14.15 21.99
N GLN A 601 -25.43 14.16 21.99
CA GLN A 601 -26.28 15.13 21.26
CA GLN A 601 -26.28 15.12 21.24
C GLN A 601 -25.71 16.55 21.44
C GLN A 601 -25.75 16.55 21.46
N THR A 602 -25.19 16.86 22.64
CA THR A 602 -24.55 18.17 22.92
C THR A 602 -23.31 18.37 22.03
N ALA A 603 -22.54 17.32 21.78
CA ALA A 603 -21.32 17.41 20.94
C ALA A 603 -21.76 17.58 19.49
N ILE A 604 -22.76 16.81 19.12
CA ILE A 604 -23.31 16.86 17.71
C ILE A 604 -23.78 18.29 17.47
N ASN A 605 -24.49 18.86 18.46
CA ASN A 605 -25.09 20.21 18.31
C ASN A 605 -23.97 21.27 18.28
N GLN A 606 -22.84 21.06 18.98
CA GLN A 606 -21.72 22.01 18.89
C GLN A 606 -21.22 22.08 17.45
N VAL A 607 -21.01 20.94 16.80
CA VAL A 607 -20.48 20.92 15.43
C VAL A 607 -21.55 21.48 14.45
N ARG A 608 -22.83 21.12 14.64
CA ARG A 608 -23.91 21.66 13.77
C ARG A 608 -23.95 23.19 13.88
N SER A 609 -23.78 23.74 15.09
CA SER A 609 -23.77 25.20 15.29
C SER A 609 -22.60 25.84 14.54
N LEU A 610 -21.42 25.21 14.48
CA LEU A 610 -20.25 25.77 13.77
C LEU A 610 -20.49 25.74 12.25
N ILE A 611 -21.04 24.64 11.75
CA ILE A 611 -21.24 24.47 10.27
C ILE A 611 -22.39 25.40 9.84
N GLY A 612 -23.43 25.54 10.66
CA GLY A 612 -24.55 26.49 10.44
C GLY A 612 -25.85 25.81 10.05
N ASN A 613 -26.80 26.63 9.60
CA ASN A 613 -28.17 26.18 9.18
C ASN A 613 -28.05 25.34 7.92
N GLU A 614 -28.04 24.02 8.06
CA GLU A 614 -27.97 23.09 6.94
C GLU A 614 -28.99 21.98 7.23
N GLU A 615 -29.16 21.04 6.32
CA GLU A 615 -30.08 19.89 6.53
C GLU A 615 -29.22 18.76 7.15
N TYR A 616 -29.60 18.32 8.34
CA TYR A 616 -28.97 17.20 9.13
C TYR A 616 -29.97 16.09 9.37
N THR A 617 -29.46 14.87 9.50
CA THR A 617 -30.20 13.66 9.94
C THR A 617 -29.66 13.20 11.30
N ASP A 618 -30.52 12.82 12.22
CA ASP A 618 -30.10 12.15 13.47
C ASP A 618 -29.92 10.65 13.21
N TYR A 619 -28.67 10.15 13.22
CA TYR A 619 -28.41 8.68 13.11
C TYR A 619 -28.28 8.03 14.49
N MET A 620 -28.31 8.76 15.60
CA MET A 620 -28.09 8.11 16.91
C MET A 620 -29.19 7.06 17.24
N PRO A 621 -30.50 7.22 16.93
CA PRO A 621 -31.48 6.18 17.28
C PRO A 621 -31.42 4.87 16.46
N SER A 622 -30.45 4.73 15.53
CA SER A 622 -30.07 3.42 14.91
C SER A 622 -29.36 2.53 15.95
N MET A 623 -28.93 3.10 17.09
CA MET A 623 -28.34 2.31 18.19
C MET A 623 -29.38 2.10 19.29
N LYS A 624 -29.41 0.91 19.88
CA LYS A 624 -30.38 0.47 20.93
C LYS A 624 -30.54 1.56 22.01
N ARG A 625 -29.43 2.07 22.56
CA ARG A 625 -29.42 2.90 23.80
C ARG A 625 -29.98 4.31 23.54
N PHE A 626 -30.07 4.74 22.27
CA PHE A 626 -30.59 6.09 21.89
C PHE A 626 -31.98 5.92 21.27
N ARG A 627 -32.39 4.67 21.03
CA ARG A 627 -33.76 4.34 20.58
C ARG A 627 -34.70 4.57 21.77
N ARG A 628 -35.08 5.83 22.01
CA ARG A 628 -35.92 6.28 23.14
C ARG A 628 -35.24 5.90 24.46
ZN ZN B . -9.08 -6.57 17.44
ZN ZN C . 13.44 9.63 -19.69
O1 MES D . -13.80 25.52 12.76
O1 MES D . -13.67 25.09 12.75
C2 MES D . -13.26 26.27 13.83
C2 MES D . -13.11 25.78 13.85
C3 MES D . -12.10 25.54 14.46
C3 MES D . -12.34 24.83 14.75
N4 MES D . -12.54 24.21 14.98
N4 MES D . -13.24 23.74 15.24
C5 MES D . -13.20 23.44 13.88
C5 MES D . -13.86 23.07 14.05
C6 MES D . -14.28 24.27 13.21
C6 MES D . -14.56 24.08 13.20
C7 MES D . -11.41 23.44 15.60
C7 MES D . -12.51 22.76 16.11
C8 MES D . -11.92 22.40 16.59
C8 MES D . -11.00 22.93 16.08
S MES D . -10.72 21.90 17.82
S MES D . -10.19 22.04 17.39
O1S MES D . -11.39 22.17 19.06
O1S MES D . -11.20 21.82 18.39
O2S MES D . -10.52 20.51 17.58
O2S MES D . -9.71 20.82 16.81
O3S MES D . -9.53 22.67 17.64
O3S MES D . -9.13 22.90 17.86
S DMS E . -24.51 6.50 9.74
O DMS E . -25.41 5.21 9.88
C1 DMS E . -24.37 6.81 8.03
C2 DMS E . -22.86 5.85 10.00
S DMS F . -26.61 -5.36 19.24
O DMS F . -25.90 -5.38 17.91
C1 DMS F . -27.00 -3.66 19.59
C2 DMS F . -25.37 -5.61 20.51
S DMS G . -10.36 7.85 4.26
O DMS G . -11.01 7.52 2.95
C1 DMS G . -9.43 6.40 4.64
C2 DMS G . -11.60 7.59 5.46
C1 PEG H . -17.46 3.88 -4.02
O1 PEG H . -17.62 2.53 -4.43
C2 PEG H . -16.19 4.48 -4.56
O2 PEG H . -16.24 5.92 -4.48
C3 PEG H . -15.21 6.59 -5.19
C4 PEG H . -13.85 6.27 -4.61
O4 PEG H . -13.08 7.42 -4.37
P PO4 I . 3.62 -8.87 8.01
O1 PO4 I . 4.10 -9.00 9.67
O2 PO4 I . 4.77 -9.71 7.02
O3 PO4 I . 2.17 -9.69 7.70
O4 PO4 I . 3.43 -7.44 7.71
P PO4 J . 15.42 -8.08 -23.38
O1 PO4 J . 15.88 -7.03 -22.33
O2 PO4 J . 16.00 -9.44 -22.99
O3 PO4 J . 13.86 -8.15 -23.38
O4 PO4 J . 15.94 -7.70 -24.79
C1 PEG K . -13.01 -17.37 -2.63
O1 PEG K . -13.97 -16.47 -3.18
C2 PEG K . -13.64 -18.60 -2.12
O2 PEG K . -14.95 -18.31 -1.63
C3 PEG K . -15.84 -19.41 -1.68
C4 PEG K . -15.87 -20.12 -0.37
O4 PEG K . -17.20 -20.24 0.14
N1 B1A L . -22.21 -0.91 25.17
N1 B1A L . -15.55 -5.31 31.06
C4 B1A L . -21.18 -2.27 26.92
C4 B1A L . -16.63 -3.81 29.54
C5 B1A L . -20.45 -2.35 28.10
C5 B1A L . -17.54 -2.81 29.26
C6 B1A L . -19.99 -1.19 28.72
C6 B1A L . -18.35 -2.29 30.26
C7 B1A L . -20.26 0.03 28.14
C7 B1A L . -18.22 -2.78 31.55
C8 B1A L . -20.98 0.12 26.97
C8 B1A L . -17.30 -3.77 31.84
C10 B1A L . -17.56 -2.93 29.25
C10 B1A L . -20.29 0.13 28.26
C13 B1A L . -17.28 -3.69 31.89
C13 B1A L . -21.08 -2.08 26.81
C1 B1A L . -23.66 -1.34 23.30
C1 B1A L . -13.92 -6.67 32.19
C2 B1A L . -22.82 -1.86 24.42
C2 B1A L . -15.24 -5.97 32.20
O1 B1A L . -22.69 -3.06 24.64
O1 B1A L . -15.99 -6.00 33.18
C3 B1A L . -21.45 -1.03 26.35
C3 B1A L . -16.51 -4.29 30.83
N2 B1A L . -19.22 -1.28 29.89
N2 B1A L . -19.30 -1.30 29.94
C9 B1A L . -18.30 -2.28 30.24
C9 B1A L . -20.01 -1.14 28.75
C11 B1A L . -16.69 -3.94 29.60
C11 B1A L . -20.96 0.28 27.06
C12 B1A L . -16.56 -4.32 30.91
C12 B1A L . -21.35 -0.81 26.34
C14 B1A L . -18.15 -2.67 31.56
C14 B1A L . -20.41 -2.25 28.00
CL CL M . -0.74 -17.45 17.94
#